data_4WEJ
#
_entry.id   4WEJ
#
_cell.length_a   67.788
_cell.length_b   83.047
_cell.length_c   88.801
_cell.angle_alpha   90.00
_cell.angle_beta   90.00
_cell.angle_gamma   90.00
#
_symmetry.space_group_name_H-M   'P 21 21 21'
#
loop_
_entity.id
_entity.type
_entity.pdbx_description
1 polymer 'Penicillin-binding protein 3'
2 non-polymer '(3R,4S,7Z)-7-(2-amino-1,3-thiazol-4-yl)-4-formyl-1-[({3-[(5R)-5-hydroxy-4-oxo-4,5-dihydropyridin-2-yl]-4-[3-(methylsulfonyl)propyl]-5-oxo-4,5-dihydro-1H-1,2,4-triazol-1-yl}sulfonyl)amino]-10,10-dimethyl-1,6-dioxo-3-(prop-2-en-1-yl)-9-oxa-2,5,8-triazaundec-7-en-11-oic acid'
3 water water
#
_entity_poly.entity_id   1
_entity_poly.type   'polypeptide(L)'
_entity_poly.pdbx_seq_one_letter_code
;MGHHHHHHARSVRHIAIPAHRGLITDRNGEPLAVSTPVTTLWANPKELMTAKERWPQLAAALGQDTKLFADRIEQNAERE
FIYLVRGLTPEQGEGVIALKVPGVYSIEEFRRFYPAGEVVAHAVGFTDVDDRGREGIELAFDEWLAGVPGKRQVLKDRRG
RVIKDVQVTKNAKPGKTLALSIDLRLQYLAHRELRNALLENGAKAGSLVIMDVKTGEILAMTNQPTYNPNNRRNLQPAAM
RNRAMIDVFEPGSTVKPFSMSAALASGRWKPSDIVDVYPGTLQIGRYTIRDVSRNSRQLDLTGILIKSSNVGISKIAFDI
GAESIYSVMQQVGLGQDTGLGFPGERVGNLPNHRKWPKAETATLAYGYGLSVTAIQLAHAYAALANDGKSVPLSMTRVDR
VPDGVQVISPEVASTVQGMLQQVVEAQGGVFRAQVPGYHAAGKSGTARKVSVGTKGYRENAYRSLFAGFAPATDPRIAMV
VVIDEPSKAGYFGGLVSAPVFSKVMAGALRLMNVPPDNLPTATEQQQVNAAPAKGGRG
;
_entity_poly.pdbx_strand_id   A
#
# COMPACT_ATOMS: atom_id res chain seq x y z
N ARG A 10 -9.04 51.15 -17.48
CA ARG A 10 -9.71 49.95 -16.96
C ARG A 10 -9.11 48.69 -17.59
N SER A 11 -8.83 47.66 -16.76
CA SER A 11 -8.22 46.40 -17.21
C SER A 11 -9.03 45.15 -16.90
N VAL A 12 -9.34 44.37 -17.95
CA VAL A 12 -10.09 43.10 -17.83
C VAL A 12 -9.10 41.98 -17.46
N ARG A 13 -9.33 41.34 -16.30
CA ARG A 13 -8.49 40.28 -15.78
C ARG A 13 -9.29 39.00 -15.48
N HIS A 14 -8.60 37.88 -15.21
CA HIS A 14 -9.26 36.61 -14.93
C HIS A 14 -8.72 35.91 -13.69
N ILE A 15 -9.64 35.61 -12.74
CA ILE A 15 -9.38 34.93 -11.45
C ILE A 15 -9.69 33.43 -11.58
N ALA A 16 -8.81 32.54 -11.02
CA ALA A 16 -9.01 31.08 -11.04
C ALA A 16 -9.74 30.59 -9.77
N ILE A 17 -10.93 30.00 -9.97
CA ILE A 17 -11.77 29.47 -8.89
C ILE A 17 -11.39 27.99 -8.58
N PRO A 18 -10.76 27.68 -7.42
CA PRO A 18 -10.40 26.28 -7.13
C PRO A 18 -11.62 25.35 -7.03
N ALA A 19 -11.57 24.22 -7.79
CA ALA A 19 -12.64 23.20 -7.83
C ALA A 19 -12.65 22.31 -6.57
N HIS A 20 -13.85 21.80 -6.22
CA HIS A 20 -14.09 20.91 -5.09
C HIS A 20 -13.54 19.53 -5.45
N ARG A 21 -12.55 19.05 -4.70
CA ARG A 21 -11.95 17.71 -4.95
C ARG A 21 -12.92 16.57 -4.60
N GLY A 22 -12.94 15.55 -5.45
CA GLY A 22 -13.78 14.35 -5.35
C GLY A 22 -13.64 13.61 -4.04
N LEU A 23 -14.78 13.13 -3.52
CA LEU A 23 -14.86 12.39 -2.27
C LEU A 23 -14.23 11.00 -2.46
N ILE A 24 -13.35 10.55 -1.54
CA ILE A 24 -12.81 9.18 -1.57
C ILE A 24 -13.54 8.43 -0.46
N THR A 25 -14.14 7.26 -0.80
CA THR A 25 -14.77 6.48 0.25
C THR A 25 -14.11 5.11 0.27
N ASP A 26 -14.44 4.30 1.27
CA ASP A 26 -13.99 2.93 1.32
C ASP A 26 -15.04 2.20 0.44
N ARG A 27 -14.95 0.88 0.29
CA ARG A 27 -15.87 0.13 -0.57
C ARG A 27 -17.36 0.20 -0.15
N ASN A 28 -17.69 0.60 1.13
CA ASN A 28 -19.07 0.67 1.62
C ASN A 28 -19.55 2.12 1.81
N GLY A 29 -18.79 3.08 1.28
CA GLY A 29 -19.17 4.48 1.37
C GLY A 29 -18.72 5.23 2.61
N GLU A 30 -17.84 4.64 3.44
CA GLU A 30 -17.35 5.35 4.62
C GLU A 30 -16.37 6.38 4.11
N PRO A 31 -16.50 7.69 4.49
CA PRO A 31 -15.58 8.70 3.93
C PRO A 31 -14.14 8.52 4.40
N LEU A 32 -13.22 8.66 3.45
CA LEU A 32 -11.80 8.51 3.69
C LEU A 32 -11.01 9.78 3.39
N ALA A 33 -11.46 10.61 2.44
CA ALA A 33 -10.82 11.89 2.11
C ALA A 33 -11.94 12.83 1.70
N VAL A 34 -12.11 13.94 2.46
CA VAL A 34 -13.19 14.92 2.27
C VAL A 34 -12.62 16.32 2.10
N SER A 35 -13.09 17.02 1.03
CA SER A 35 -12.67 18.42 0.77
C SER A 35 -13.37 19.33 1.76
N THR A 36 -12.56 20.08 2.49
CA THR A 36 -12.99 20.99 3.54
C THR A 36 -12.79 22.44 3.09
N PRO A 37 -13.83 23.30 3.24
CA PRO A 37 -13.65 24.73 2.93
C PRO A 37 -12.62 25.40 3.84
N VAL A 38 -11.66 26.10 3.21
CA VAL A 38 -10.63 26.88 3.89
C VAL A 38 -10.57 28.28 3.24
N THR A 39 -10.14 29.29 4.01
CA THR A 39 -10.06 30.66 3.53
C THR A 39 -8.63 31.10 3.33
N THR A 40 -8.31 31.48 2.08
CA THR A 40 -7.02 32.04 1.70
C THR A 40 -7.14 33.56 1.60
N LEU A 41 -6.27 34.28 2.33
CA LEU A 41 -6.30 35.73 2.29
C LEU A 41 -5.20 36.30 1.44
N TRP A 42 -5.57 37.17 0.49
CA TRP A 42 -4.62 37.89 -0.34
C TRP A 42 -4.74 39.42 -0.09
N ALA A 43 -3.79 40.21 -0.60
CA ALA A 43 -3.80 41.64 -0.43
C ALA A 43 -3.26 42.37 -1.64
N ASN A 44 -3.77 43.58 -1.88
CA ASN A 44 -3.27 44.48 -2.90
C ASN A 44 -2.36 45.46 -2.12
N PRO A 45 -1.01 45.24 -2.10
CA PRO A 45 -0.13 46.12 -1.31
C PRO A 45 -0.32 47.61 -1.53
N LYS A 46 -0.58 48.07 -2.79
CA LYS A 46 -0.82 49.49 -3.09
C LYS A 46 -2.01 50.04 -2.30
N GLU A 47 -3.05 49.21 -2.12
CA GLU A 47 -4.25 49.55 -1.36
C GLU A 47 -3.96 49.48 0.14
N LEU A 48 -3.11 48.50 0.55
CA LEU A 48 -2.68 48.29 1.93
C LEU A 48 -1.88 49.46 2.45
N MET A 49 -1.12 50.15 1.56
CA MET A 49 -0.30 51.32 1.89
C MET A 49 -1.15 52.50 2.37
N THR A 50 -2.44 52.57 1.93
CA THR A 50 -3.38 53.65 2.30
C THR A 50 -4.04 53.44 3.68
N ALA A 51 -3.73 52.32 4.36
CA ALA A 51 -4.27 52.00 5.68
C ALA A 51 -3.22 51.37 6.63
N LYS A 52 -2.00 51.93 6.66
CA LYS A 52 -0.90 51.45 7.51
C LYS A 52 -1.26 51.40 9.00
N GLU A 53 -2.18 52.27 9.48
CA GLU A 53 -2.57 52.27 10.89
C GLU A 53 -3.32 50.99 11.27
N ARG A 54 -3.82 50.27 10.25
CA ARG A 54 -4.50 48.97 10.39
C ARG A 54 -3.56 47.77 10.43
N TRP A 55 -2.31 47.92 9.91
CA TRP A 55 -1.38 46.79 9.79
C TRP A 55 -1.03 46.08 11.10
N PRO A 56 -0.73 46.74 12.25
CA PRO A 56 -0.39 45.97 13.47
C PRO A 56 -1.49 44.99 13.86
N GLN A 57 -2.74 45.46 13.83
CA GLN A 57 -3.94 44.66 14.14
C GLN A 57 -4.09 43.54 13.13
N LEU A 58 -3.79 43.80 11.84
CA LEU A 58 -3.82 42.75 10.81
C LEU A 58 -2.69 41.72 11.05
N ALA A 59 -1.45 42.17 11.35
CA ALA A 59 -0.32 41.28 11.63
C ALA A 59 -0.56 40.44 12.92
N ALA A 60 -1.11 41.07 13.98
CA ALA A 60 -1.41 40.42 15.25
C ALA A 60 -2.49 39.37 15.06
N ALA A 61 -3.43 39.61 14.11
CA ALA A 61 -4.49 38.66 13.79
C ALA A 61 -3.92 37.42 13.09
N LEU A 62 -2.80 37.58 12.38
CA LEU A 62 -2.14 36.47 11.68
C LEU A 62 -0.95 35.88 12.49
N GLY A 63 -0.83 36.32 13.75
CA GLY A 63 0.21 35.88 14.70
C GLY A 63 1.63 36.25 14.31
N GLN A 64 1.77 37.32 13.51
CA GLN A 64 3.04 37.81 12.96
C GLN A 64 3.60 38.97 13.76
N ASP A 65 4.95 39.11 13.76
CA ASP A 65 5.60 40.25 14.39
C ASP A 65 5.21 41.43 13.53
N THR A 66 4.85 42.52 14.20
CA THR A 66 4.41 43.76 13.60
C THR A 66 5.43 44.26 12.57
N LYS A 67 6.70 44.37 12.96
CA LYS A 67 7.73 44.89 12.07
C LYS A 67 8.01 43.99 10.88
N LEU A 68 8.03 42.65 11.09
CA LEU A 68 8.27 41.67 10.03
C LEU A 68 7.18 41.73 8.97
N PHE A 69 5.90 41.81 9.38
CA PHE A 69 4.75 41.95 8.46
C PHE A 69 4.79 43.33 7.73
N ALA A 70 5.16 44.42 8.43
CA ALA A 70 5.27 45.76 7.84
C ALA A 70 6.40 45.76 6.78
N ASP A 71 7.51 45.04 7.06
CA ASP A 71 8.67 44.88 6.14
C ASP A 71 8.24 44.04 4.94
N ARG A 72 7.27 43.16 5.12
CA ARG A 72 6.75 42.32 4.05
C ARG A 72 5.98 43.15 3.02
N ILE A 73 5.07 44.03 3.50
CA ILE A 73 4.23 44.89 2.65
C ILE A 73 5.04 45.98 1.97
N GLU A 74 5.95 46.65 2.71
CA GLU A 74 6.79 47.73 2.18
C GLU A 74 7.64 47.26 0.99
N GLN A 75 8.21 46.05 1.11
CA GLN A 75 9.05 45.40 0.09
C GLN A 75 8.26 45.00 -1.15
N ASN A 76 6.93 44.84 -1.02
CA ASN A 76 6.05 44.43 -2.11
C ASN A 76 5.10 45.55 -2.58
N ALA A 77 5.40 46.81 -2.20
CA ALA A 77 4.61 48.02 -2.50
C ALA A 77 4.34 48.27 -4.00
N GLU A 78 5.09 47.57 -4.88
CA GLU A 78 4.94 47.67 -6.34
CA GLU A 78 4.95 47.67 -6.33
C GLU A 78 4.04 46.55 -6.87
N ARG A 79 4.09 45.35 -6.26
CA ARG A 79 3.29 44.18 -6.64
C ARG A 79 1.81 44.46 -6.41
N GLU A 80 0.96 44.09 -7.38
CA GLU A 80 -0.49 44.32 -7.37
C GLU A 80 -1.25 43.19 -6.66
N PHE A 81 -0.52 42.12 -6.29
CA PHE A 81 -1.05 40.93 -5.62
C PHE A 81 0.08 40.29 -4.81
N ILE A 82 -0.29 39.75 -3.63
CA ILE A 82 0.55 39.00 -2.69
C ILE A 82 -0.39 38.15 -1.85
N TYR A 83 0.09 36.99 -1.38
CA TYR A 83 -0.67 36.12 -0.48
C TYR A 83 -0.30 36.52 0.94
N LEU A 84 -1.31 36.61 1.81
CA LEU A 84 -1.06 36.95 3.21
C LEU A 84 -0.92 35.65 3.95
N VAL A 85 -1.91 34.77 3.79
CA VAL A 85 -1.96 33.45 4.42
C VAL A 85 -2.90 32.51 3.63
N ARG A 86 -2.59 31.22 3.63
CA ARG A 86 -3.40 30.19 2.97
C ARG A 86 -3.92 29.19 3.99
N GLY A 87 -5.08 28.63 3.70
CA GLY A 87 -5.67 27.56 4.49
C GLY A 87 -6.19 27.85 5.88
N LEU A 88 -6.50 29.11 6.19
CA LEU A 88 -7.12 29.44 7.48
C LEU A 88 -8.50 28.79 7.51
N THR A 89 -9.00 28.49 8.73
CA THR A 89 -10.35 27.94 8.86
C THR A 89 -11.30 29.06 8.47
N PRO A 90 -12.48 28.81 7.84
CA PRO A 90 -13.36 29.94 7.47
C PRO A 90 -13.62 30.93 8.61
N GLU A 91 -13.70 30.42 9.87
CA GLU A 91 -13.92 31.19 11.10
C GLU A 91 -12.76 32.17 11.35
N GLN A 92 -11.51 31.66 11.27
CA GLN A 92 -10.27 32.42 11.42
C GLN A 92 -10.13 33.47 10.31
N GLY A 93 -10.62 33.12 9.11
CA GLY A 93 -10.65 33.99 7.94
C GLY A 93 -11.65 35.11 8.10
N GLU A 94 -12.77 34.85 8.79
CA GLU A 94 -13.83 35.83 9.08
C GLU A 94 -13.36 36.89 10.08
N GLY A 95 -12.52 36.46 11.04
CA GLY A 95 -11.95 37.33 12.07
C GLY A 95 -11.03 38.39 11.47
N VAL A 96 -10.30 38.02 10.41
CA VAL A 96 -9.40 38.92 9.66
C VAL A 96 -10.28 39.86 8.83
N ILE A 97 -11.39 39.34 8.26
CA ILE A 97 -12.33 40.14 7.46
C ILE A 97 -13.07 41.17 8.36
N ALA A 98 -13.33 40.81 9.64
CA ALA A 98 -13.99 41.70 10.61
C ALA A 98 -13.17 42.97 10.91
N LEU A 99 -11.85 42.92 10.65
CA LEU A 99 -10.96 44.06 10.86
C LEU A 99 -11.25 45.16 9.84
N LYS A 100 -11.83 44.77 8.68
CA LYS A 100 -12.25 45.69 7.60
C LYS A 100 -11.07 46.54 7.09
N VAL A 101 -9.93 45.87 6.87
CA VAL A 101 -8.70 46.49 6.37
C VAL A 101 -8.81 46.65 4.84
N PRO A 102 -8.66 47.88 4.33
CA PRO A 102 -8.69 48.10 2.88
C PRO A 102 -7.52 47.37 2.19
N GLY A 103 -7.83 46.67 1.09
CA GLY A 103 -6.84 45.91 0.33
C GLY A 103 -6.72 44.45 0.72
N VAL A 104 -7.47 44.02 1.74
CA VAL A 104 -7.45 42.63 2.18
C VAL A 104 -8.67 41.96 1.53
N TYR A 105 -8.41 40.89 0.75
CA TYR A 105 -9.43 40.12 0.04
C TYR A 105 -9.31 38.61 0.33
N SER A 106 -10.40 37.85 0.10
CA SER A 106 -10.48 36.42 0.38
C SER A 106 -10.84 35.56 -0.84
N ILE A 107 -10.31 34.31 -0.83
CA ILE A 107 -10.51 33.24 -1.81
C ILE A 107 -10.86 31.98 -1.01
N GLU A 108 -11.97 31.34 -1.41
CA GLU A 108 -12.48 30.11 -0.82
C GLU A 108 -11.72 28.96 -1.48
N GLU A 109 -10.82 28.32 -0.72
CA GLU A 109 -10.00 27.19 -1.19
C GLU A 109 -10.47 25.87 -0.51
N PHE A 110 -9.85 24.74 -0.90
CA PHE A 110 -10.17 23.45 -0.29
C PHE A 110 -8.92 22.83 0.27
N ARG A 111 -9.12 22.10 1.36
CA ARG A 111 -8.08 21.37 2.05
C ARG A 111 -8.70 20.02 2.38
N ARG A 112 -7.92 18.96 2.33
CA ARG A 112 -8.43 17.66 2.63
C ARG A 112 -8.48 17.39 4.13
N PHE A 113 -9.52 16.68 4.54
CA PHE A 113 -9.61 16.13 5.89
C PHE A 113 -9.72 14.60 5.65
N TYR A 114 -9.00 13.82 6.46
CA TYR A 114 -8.94 12.36 6.33
C TYR A 114 -9.55 11.78 7.59
N PRO A 115 -10.85 11.41 7.58
CA PRO A 115 -11.49 10.98 8.82
C PRO A 115 -10.86 9.77 9.53
N ALA A 116 -10.25 8.82 8.79
CA ALA A 116 -9.61 7.66 9.42
C ALA A 116 -8.12 7.89 9.78
N GLY A 117 -7.61 9.08 9.46
CA GLY A 117 -6.24 9.45 9.80
C GLY A 117 -5.17 8.42 9.48
N GLU A 118 -4.33 8.09 10.48
CA GLU A 118 -3.19 7.16 10.28
C GLU A 118 -3.55 5.73 9.82
N VAL A 119 -4.77 5.27 10.16
CA VAL A 119 -5.29 3.93 9.86
C VAL A 119 -5.19 3.56 8.36
N VAL A 120 -5.43 4.52 7.43
CA VAL A 120 -5.39 4.23 6.00
C VAL A 120 -4.60 5.35 5.22
N ALA A 121 -3.63 5.96 5.91
CA ALA A 121 -2.79 7.04 5.41
C ALA A 121 -2.05 6.66 4.15
N HIS A 122 -1.39 5.50 4.15
CA HIS A 122 -0.59 5.07 3.00
C HIS A 122 -1.39 4.75 1.75
N ALA A 123 -2.52 4.05 1.92
CA ALA A 123 -3.38 3.75 0.77
C ALA A 123 -4.06 5.02 0.26
N VAL A 124 -4.70 5.83 1.15
CA VAL A 124 -5.39 7.04 0.67
C VAL A 124 -4.41 8.09 0.11
N GLY A 125 -3.32 8.31 0.84
CA GLY A 125 -2.31 9.28 0.47
C GLY A 125 -2.64 10.65 1.03
N PHE A 126 -2.17 11.69 0.33
CA PHE A 126 -2.45 13.06 0.72
C PHE A 126 -2.18 14.05 -0.40
N THR A 127 -2.59 15.28 -0.17
CA THR A 127 -2.50 16.41 -1.09
C THR A 127 -1.37 17.37 -0.69
N ASP A 128 -0.88 18.15 -1.66
CA ASP A 128 0.14 19.15 -1.36
C ASP A 128 -0.58 20.48 -0.98
N VAL A 129 0.17 21.57 -0.88
CA VAL A 129 -0.33 22.90 -0.52
C VAL A 129 -1.41 23.43 -1.52
N ASP A 130 -1.39 22.98 -2.79
CA ASP A 130 -2.34 23.39 -3.85
C ASP A 130 -3.52 22.41 -4.06
N ASP A 131 -3.73 21.48 -3.11
CA ASP A 131 -4.83 20.51 -3.10
C ASP A 131 -4.75 19.47 -4.26
N ARG A 132 -3.53 19.13 -4.67
CA ARG A 132 -3.25 18.13 -5.70
C ARG A 132 -2.61 16.93 -4.99
N GLY A 133 -2.91 15.73 -5.49
CA GLY A 133 -2.41 14.47 -4.94
C GLY A 133 -0.90 14.38 -4.99
N ARG A 134 -0.32 13.96 -3.86
CA ARG A 134 1.11 13.88 -3.64
C ARG A 134 1.60 12.47 -3.31
N GLU A 135 0.72 11.63 -2.75
CA GLU A 135 1.01 10.24 -2.37
C GLU A 135 -0.30 9.42 -2.51
N GLY A 136 -0.14 8.10 -2.56
CA GLY A 136 -1.24 7.14 -2.60
C GLY A 136 -2.29 7.37 -3.67
N ILE A 137 -3.54 7.04 -3.36
CA ILE A 137 -4.67 7.20 -4.25
C ILE A 137 -4.83 8.65 -4.71
N GLU A 138 -4.61 9.62 -3.80
CA GLU A 138 -4.72 11.06 -4.09
C GLU A 138 -3.88 11.38 -5.33
N LEU A 139 -2.65 10.86 -5.37
CA LEU A 139 -1.69 11.01 -6.45
C LEU A 139 -2.15 10.16 -7.63
N ALA A 140 -2.31 8.82 -7.44
CA ALA A 140 -2.68 7.89 -8.52
C ALA A 140 -3.93 8.29 -9.27
N PHE A 141 -4.97 8.74 -8.58
CA PHE A 141 -6.24 9.14 -9.22
C PHE A 141 -6.45 10.65 -9.22
N ASP A 142 -5.35 11.43 -9.21
CA ASP A 142 -5.42 12.91 -9.15
C ASP A 142 -6.31 13.50 -10.21
N GLU A 143 -6.20 13.07 -11.47
CA GLU A 143 -7.03 13.61 -12.56
C GLU A 143 -8.54 13.36 -12.36
N TRP A 144 -8.92 12.14 -11.91
CA TRP A 144 -10.30 11.77 -11.63
C TRP A 144 -10.87 12.63 -10.49
N LEU A 145 -10.07 12.80 -9.43
CA LEU A 145 -10.46 13.49 -8.21
C LEU A 145 -10.39 15.02 -8.29
N ALA A 146 -9.46 15.58 -9.08
CA ALA A 146 -9.26 17.04 -9.13
C ALA A 146 -10.38 17.84 -9.80
N GLY A 147 -10.93 17.32 -10.87
CA GLY A 147 -11.93 18.07 -11.64
C GLY A 147 -11.24 19.12 -12.50
N VAL A 148 -11.86 20.33 -12.64
CA VAL A 148 -11.25 21.41 -13.43
C VAL A 148 -11.60 22.79 -12.81
N PRO A 149 -10.59 23.64 -12.52
CA PRO A 149 -10.88 24.96 -11.92
C PRO A 149 -11.69 25.91 -12.78
N GLY A 150 -12.28 26.89 -12.11
CA GLY A 150 -13.11 27.93 -12.72
C GLY A 150 -12.32 29.13 -13.19
N LYS A 151 -12.98 29.96 -14.04
CA LYS A 151 -12.42 31.18 -14.59
C LYS A 151 -13.46 32.30 -14.45
N ARG A 152 -13.14 33.29 -13.60
CA ARG A 152 -13.98 34.44 -13.31
C ARG A 152 -13.40 35.68 -13.98
N GLN A 153 -14.23 36.39 -14.76
CA GLN A 153 -13.85 37.62 -15.45
C GLN A 153 -14.03 38.78 -14.45
N VAL A 154 -12.96 39.54 -14.24
CA VAL A 154 -12.93 40.64 -13.27
C VAL A 154 -12.41 41.97 -13.89
N LEU A 155 -12.76 43.11 -13.27
CA LEU A 155 -12.35 44.44 -13.69
C LEU A 155 -11.42 45.05 -12.63
N LYS A 156 -10.19 45.42 -13.06
CA LYS A 156 -9.16 45.99 -12.18
C LYS A 156 -8.58 47.31 -12.71
N ASP A 157 -7.89 48.07 -11.85
CA ASP A 157 -7.24 49.33 -12.21
C ASP A 157 -5.70 49.17 -12.29
N ARG A 158 -4.96 50.29 -12.38
CA ARG A 158 -3.49 50.31 -12.46
C ARG A 158 -2.86 49.80 -11.16
N ARG A 159 -3.48 50.12 -10.00
CA ARG A 159 -3.03 49.72 -8.66
C ARG A 159 -3.24 48.22 -8.43
N GLY A 160 -4.40 47.70 -8.84
CA GLY A 160 -4.79 46.31 -8.70
C GLY A 160 -6.07 46.07 -7.90
N ARG A 161 -6.88 47.14 -7.70
CA ARG A 161 -8.13 47.08 -6.94
C ARG A 161 -9.23 46.35 -7.72
N VAL A 162 -9.91 45.40 -7.07
CA VAL A 162 -11.00 44.62 -7.66
C VAL A 162 -12.26 45.50 -7.71
N ILE A 163 -12.72 45.83 -8.93
CA ILE A 163 -13.90 46.68 -9.14
C ILE A 163 -15.20 45.85 -9.12
N LYS A 164 -15.41 44.97 -10.13
CA LYS A 164 -16.64 44.16 -10.23
C LYS A 164 -16.46 42.77 -10.87
N ASP A 165 -17.41 41.83 -10.57
CA ASP A 165 -17.45 40.46 -11.09
C ASP A 165 -18.40 40.46 -12.31
N VAL A 166 -17.89 40.92 -13.47
CA VAL A 166 -18.65 41.08 -14.72
C VAL A 166 -19.38 39.77 -15.15
N GLN A 167 -18.67 38.62 -15.24
CA GLN A 167 -19.25 37.32 -15.63
C GLN A 167 -18.36 36.11 -15.29
N VAL A 168 -18.92 34.90 -15.42
CA VAL A 168 -18.24 33.63 -15.21
C VAL A 168 -17.96 33.08 -16.61
N THR A 169 -16.71 33.22 -17.08
CA THR A 169 -16.30 32.78 -18.43
C THR A 169 -16.28 31.26 -18.59
N LYS A 170 -15.81 30.55 -17.52
CA LYS A 170 -15.72 29.10 -17.45
C LYS A 170 -16.12 28.65 -16.03
N ASN A 171 -17.16 27.80 -15.95
CA ASN A 171 -17.67 27.25 -14.69
C ASN A 171 -16.72 26.16 -14.15
N ALA A 172 -16.42 26.21 -12.84
CA ALA A 172 -15.59 25.23 -12.14
C ALA A 172 -16.31 23.89 -12.07
N LYS A 173 -15.64 22.82 -12.49
CA LYS A 173 -16.24 21.48 -12.49
C LYS A 173 -15.67 20.67 -11.31
N PRO A 174 -16.53 20.21 -10.37
CA PRO A 174 -15.99 19.45 -9.22
C PRO A 174 -15.37 18.13 -9.65
N GLY A 175 -14.47 17.61 -8.82
CA GLY A 175 -13.86 16.30 -9.04
C GLY A 175 -14.91 15.23 -8.84
N LYS A 176 -14.59 13.98 -9.18
CA LYS A 176 -15.55 12.88 -9.06
C LYS A 176 -15.27 12.02 -7.83
N THR A 177 -16.33 11.42 -7.30
CA THR A 177 -16.27 10.48 -6.17
C THR A 177 -15.52 9.21 -6.59
N LEU A 178 -14.79 8.61 -5.64
CA LEU A 178 -14.06 7.37 -5.90
C LEU A 178 -14.23 6.45 -4.69
N ALA A 179 -14.76 5.25 -4.91
CA ALA A 179 -14.92 4.23 -3.88
C ALA A 179 -13.72 3.30 -4.01
N LEU A 180 -12.92 3.18 -2.95
CA LEU A 180 -11.77 2.26 -2.95
C LEU A 180 -12.21 0.80 -2.77
N SER A 181 -11.30 -0.14 -3.04
CA SER A 181 -11.56 -1.56 -2.78
C SER A 181 -11.43 -1.82 -1.25
N ILE A 182 -10.70 -0.94 -0.53
CA ILE A 182 -10.45 -1.07 0.94
C ILE A 182 -11.76 -1.17 1.72
N ASP A 183 -11.84 -2.12 2.64
CA ASP A 183 -12.96 -2.25 3.59
C ASP A 183 -12.37 -1.68 4.88
N LEU A 184 -12.85 -0.48 5.31
CA LEU A 184 -12.34 0.17 6.52
C LEU A 184 -12.42 -0.72 7.77
N ARG A 185 -13.41 -1.61 7.87
CA ARG A 185 -13.53 -2.54 9.02
C ARG A 185 -12.32 -3.49 9.04
N LEU A 186 -11.93 -4.04 7.86
CA LEU A 186 -10.74 -4.93 7.76
C LEU A 186 -9.48 -4.11 7.91
N GLN A 187 -9.45 -2.86 7.39
CA GLN A 187 -8.29 -2.00 7.48
C GLN A 187 -7.94 -1.71 8.96
N TYR A 188 -8.96 -1.37 9.79
CA TYR A 188 -8.74 -1.10 11.20
C TYR A 188 -8.18 -2.34 11.90
N LEU A 189 -8.79 -3.51 11.65
CA LEU A 189 -8.31 -4.76 12.25
C LEU A 189 -6.83 -5.03 11.86
N ALA A 190 -6.52 -4.88 10.57
CA ALA A 190 -5.17 -5.12 10.07
C ALA A 190 -4.19 -4.10 10.66
N HIS A 191 -4.58 -2.80 10.72
CA HIS A 191 -3.74 -1.73 11.26
C HIS A 191 -3.34 -2.03 12.70
N ARG A 192 -4.33 -2.35 13.53
CA ARG A 192 -4.19 -2.63 14.94
C ARG A 192 -3.32 -3.83 15.19
N GLU A 193 -3.62 -4.97 14.50
CA GLU A 193 -2.84 -6.21 14.71
C GLU A 193 -1.42 -6.04 14.22
N LEU A 194 -1.22 -5.32 13.09
CA LEU A 194 0.16 -5.10 12.63
C LEU A 194 0.96 -4.21 13.64
N ARG A 195 0.33 -3.14 14.14
CA ARG A 195 0.93 -2.24 15.15
C ARG A 195 1.31 -3.03 16.42
N ASN A 196 0.39 -3.86 16.94
CA ASN A 196 0.62 -4.70 18.14
C ASN A 196 1.79 -5.65 17.96
N ALA A 197 1.86 -6.27 16.77
CA ALA A 197 2.88 -7.24 16.39
C ALA A 197 4.25 -6.60 16.35
N LEU A 198 4.32 -5.36 15.88
CA LEU A 198 5.58 -4.63 15.79
C LEU A 198 6.13 -4.36 17.19
N LEU A 199 5.25 -3.90 18.08
CA LEU A 199 5.63 -3.53 19.43
C LEU A 199 6.00 -4.74 20.27
N GLU A 200 5.27 -5.87 20.08
CA GLU A 200 5.57 -7.15 20.75
C GLU A 200 6.90 -7.71 20.25
N ASN A 201 7.27 -7.44 18.99
CA ASN A 201 8.53 -7.99 18.46
C ASN A 201 9.68 -7.00 18.45
N GLY A 202 9.43 -5.76 18.89
CA GLY A 202 10.42 -4.70 18.85
C GLY A 202 10.90 -4.51 17.41
N ALA A 203 9.98 -4.61 16.43
CA ALA A 203 10.34 -4.52 15.03
C ALA A 203 10.44 -3.11 14.51
N LYS A 204 11.22 -2.93 13.43
CA LYS A 204 11.50 -1.63 12.83
C LYS A 204 10.32 -1.18 12.00
N ALA A 205 9.74 -2.10 11.24
CA ALA A 205 8.69 -1.76 10.29
C ALA A 205 7.91 -3.00 9.96
N GLY A 206 6.87 -2.84 9.14
CA GLY A 206 6.07 -3.97 8.70
C GLY A 206 5.01 -3.59 7.69
N SER A 207 4.42 -4.58 7.02
CA SER A 207 3.31 -4.41 6.07
C SER A 207 2.35 -5.56 6.23
N LEU A 208 1.10 -5.32 5.87
CA LEU A 208 0.08 -6.37 5.84
C LEU A 208 -0.89 -6.02 4.72
N VAL A 209 -1.10 -6.96 3.82
CA VAL A 209 -2.01 -6.77 2.68
C VAL A 209 -3.05 -7.85 2.74
N ILE A 210 -4.34 -7.49 2.52
CA ILE A 210 -5.45 -8.45 2.44
C ILE A 210 -6.04 -8.30 1.04
N MET A 211 -6.22 -9.42 0.35
CA MET A 211 -6.78 -9.37 -1.00
C MET A 211 -7.97 -10.31 -1.17
N ASP A 212 -8.95 -9.91 -2.00
CA ASP A 212 -10.07 -10.76 -2.36
C ASP A 212 -9.57 -11.55 -3.57
N VAL A 213 -9.38 -12.86 -3.40
CA VAL A 213 -8.82 -13.74 -4.44
C VAL A 213 -9.73 -13.87 -5.69
N LYS A 214 -11.05 -13.63 -5.53
CA LYS A 214 -12.02 -13.74 -6.63
C LYS A 214 -12.12 -12.49 -7.52
N THR A 215 -11.90 -11.30 -6.93
CA THR A 215 -12.08 -10.01 -7.62
C THR A 215 -10.83 -9.21 -7.88
N GLY A 216 -9.71 -9.58 -7.26
CA GLY A 216 -8.44 -8.83 -7.33
C GLY A 216 -8.39 -7.60 -6.43
N GLU A 217 -9.44 -7.38 -5.62
CA GLU A 217 -9.53 -6.18 -4.78
C GLU A 217 -8.58 -6.21 -3.61
N ILE A 218 -7.96 -5.06 -3.33
CA ILE A 218 -7.11 -4.94 -2.14
C ILE A 218 -8.07 -4.51 -1.02
N LEU A 219 -8.38 -5.40 -0.08
CA LEU A 219 -9.34 -5.07 0.96
C LEU A 219 -8.72 -4.34 2.14
N ALA A 220 -7.40 -4.50 2.28
CA ALA A 220 -6.64 -3.84 3.34
C ALA A 220 -5.21 -3.76 2.96
N MET A 221 -4.58 -2.64 3.30
CA MET A 221 -3.16 -2.43 3.02
C MET A 221 -2.66 -1.48 4.10
N THR A 222 -1.88 -2.00 5.02
CA THR A 222 -1.37 -1.19 6.15
C THR A 222 0.11 -1.34 6.29
N ASN A 223 0.80 -0.29 6.79
CA ASN A 223 2.24 -0.38 7.05
C ASN A 223 2.53 0.27 8.38
N GLN A 224 3.64 -0.10 9.02
CA GLN A 224 4.17 0.54 10.21
C GLN A 224 5.62 0.89 9.88
N PRO A 225 6.15 2.08 10.25
CA PRO A 225 5.48 3.22 10.92
C PRO A 225 4.44 3.86 9.98
N THR A 226 3.47 4.53 10.57
CA THR A 226 2.40 5.27 9.84
C THR A 226 2.43 6.73 10.35
N TYR A 227 1.56 7.60 9.85
CA TYR A 227 1.54 9.00 10.24
C TYR A 227 0.12 9.54 10.13
N ASN A 228 -0.15 10.63 10.80
CA ASN A 228 -1.45 11.27 10.74
C ASN A 228 -1.41 12.27 9.56
N PRO A 229 -2.16 12.00 8.48
CA PRO A 229 -2.11 12.88 7.31
C PRO A 229 -2.84 14.22 7.48
N ASN A 230 -3.55 14.44 8.61
CA ASN A 230 -4.22 15.70 8.93
C ASN A 230 -3.26 16.64 9.67
N ASN A 231 -2.17 16.08 10.20
CA ASN A 231 -1.16 16.83 10.93
C ASN A 231 0.14 16.45 10.33
N ARG A 232 0.43 17.12 9.23
CA ARG A 232 1.61 16.88 8.43
C ARG A 232 2.81 17.76 8.83
N ARG A 233 2.64 18.75 9.74
CA ARG A 233 3.76 19.58 10.17
C ARG A 233 4.83 18.69 10.81
N ASN A 234 6.02 18.68 10.18
CA ASN A 234 7.19 17.83 10.47
C ASN A 234 6.95 16.45 9.84
N LEU A 235 6.79 16.45 8.51
CA LEU A 235 6.53 15.26 7.71
C LEU A 235 7.77 14.40 7.61
N GLN A 236 7.79 13.30 8.37
CA GLN A 236 8.90 12.37 8.40
C GLN A 236 8.76 11.44 7.17
N PRO A 237 9.66 11.59 6.14
CA PRO A 237 9.54 10.75 4.93
C PRO A 237 9.46 9.25 5.16
N ALA A 238 10.16 8.74 6.19
CA ALA A 238 10.15 7.31 6.53
C ALA A 238 8.73 6.77 6.91
N ALA A 239 7.98 7.52 7.75
CA ALA A 239 6.63 7.20 8.24
C ALA A 239 5.60 7.26 7.13
N MET A 240 5.91 7.99 6.04
CA MET A 240 5.02 8.18 4.89
C MET A 240 5.19 7.10 3.79
N ARG A 241 6.19 6.23 3.92
CA ARG A 241 6.44 5.22 2.90
C ARG A 241 5.41 4.12 2.91
N ASN A 242 4.71 3.93 1.76
CA ASN A 242 3.77 2.85 1.58
C ASN A 242 4.62 1.61 1.27
N ARG A 243 5.23 1.03 2.31
CA ARG A 243 6.16 -0.10 2.24
C ARG A 243 5.60 -1.27 1.42
N ALA A 244 4.29 -1.59 1.59
CA ALA A 244 3.61 -2.66 0.88
C ALA A 244 3.77 -2.57 -0.65
N MET A 245 3.94 -1.36 -1.19
CA MET A 245 4.10 -1.13 -2.64
C MET A 245 5.44 -0.56 -3.07
N ILE A 246 6.25 -0.02 -2.14
CA ILE A 246 7.52 0.60 -2.58
C ILE A 246 8.75 -0.07 -1.97
N ASP A 247 8.58 -0.98 -1.00
CA ASP A 247 9.71 -1.66 -0.36
C ASP A 247 9.89 -3.07 -0.88
N VAL A 248 11.01 -3.33 -1.55
CA VAL A 248 11.20 -4.68 -2.09
C VAL A 248 11.91 -5.54 -1.06
N PHE A 249 11.75 -6.87 -1.15
CA PHE A 249 12.41 -7.80 -0.24
C PHE A 249 12.52 -9.15 -0.89
N GLU A 250 13.43 -9.98 -0.38
CA GLU A 250 13.60 -11.35 -0.86
C GLU A 250 12.52 -12.21 -0.21
N PRO A 251 11.60 -12.80 -1.02
CA PRO A 251 10.47 -13.54 -0.44
C PRO A 251 10.85 -14.87 0.20
N GLY A 252 12.03 -15.35 -0.14
CA GLY A 252 12.55 -16.59 0.42
C GLY A 252 11.58 -17.76 0.28
N SER A 253 11.41 -18.53 1.38
CA SER A 253 10.59 -19.75 1.43
C SER A 253 9.13 -19.57 1.04
N THR A 254 8.60 -18.31 1.03
CA THR A 254 7.19 -18.09 0.61
C THR A 254 6.99 -18.31 -0.89
N VAL A 255 8.09 -18.50 -1.66
CA VAL A 255 7.91 -18.76 -3.10
C VAL A 255 7.97 -20.25 -3.44
N LYS A 256 8.33 -21.11 -2.46
CA LYS A 256 8.41 -22.58 -2.62
C LYS A 256 7.09 -23.18 -3.15
N PRO A 257 5.88 -22.65 -2.79
CA PRO A 257 4.65 -23.17 -3.43
C PRO A 257 4.63 -23.00 -4.95
N PHE A 258 5.26 -21.95 -5.47
CA PHE A 258 5.27 -21.69 -6.92
C PHE A 258 6.27 -22.66 -7.60
N SER A 259 7.38 -22.96 -6.92
CA SER A 259 8.34 -23.99 -7.37
C SER A 259 7.63 -25.36 -7.39
N MET A 260 6.81 -25.67 -6.36
CA MET A 260 6.05 -26.94 -6.34
C MET A 260 5.04 -26.98 -7.46
N SER A 261 4.36 -25.86 -7.75
CA SER A 261 3.36 -25.77 -8.84
C SER A 261 4.04 -26.14 -10.14
N ALA A 262 5.26 -25.63 -10.38
CA ALA A 262 6.05 -26.02 -11.57
C ALA A 262 6.38 -27.52 -11.54
N ALA A 263 6.79 -28.06 -10.35
CA ALA A 263 7.10 -29.46 -10.21
C ALA A 263 5.91 -30.31 -10.59
N LEU A 264 4.77 -30.02 -9.99
CA LEU A 264 3.55 -30.79 -10.24
C LEU A 264 3.01 -30.68 -11.68
N ALA A 265 3.30 -29.57 -12.36
CA ALA A 265 2.81 -29.42 -13.75
C ALA A 265 3.79 -30.06 -14.73
N SER A 266 4.99 -30.46 -14.26
CA SER A 266 6.01 -31.01 -15.17
C SER A 266 5.70 -32.41 -15.66
N GLY A 267 4.87 -33.13 -14.91
CA GLY A 267 4.58 -34.53 -15.18
C GLY A 267 5.59 -35.47 -14.56
N ARG A 268 6.59 -34.91 -13.86
CA ARG A 268 7.68 -35.67 -13.23
C ARG A 268 7.54 -35.86 -11.73
N TRP A 269 6.59 -35.14 -11.09
CA TRP A 269 6.44 -35.18 -9.62
C TRP A 269 5.01 -35.32 -9.16
N LYS A 270 4.81 -36.01 -8.03
CA LYS A 270 3.51 -36.14 -7.38
C LYS A 270 3.75 -35.89 -5.90
N PRO A 271 2.71 -35.45 -5.13
CA PRO A 271 2.95 -35.15 -3.70
C PRO A 271 3.60 -36.25 -2.89
N SER A 272 3.27 -37.54 -3.17
CA SER A 272 3.81 -38.68 -2.43
C SER A 272 5.24 -39.04 -2.82
N ASP A 273 5.82 -38.39 -3.88
CA ASP A 273 7.22 -38.62 -4.26
C ASP A 273 8.13 -38.19 -3.12
N ILE A 274 9.29 -38.83 -2.99
CA ILE A 274 10.24 -38.57 -1.93
C ILE A 274 11.54 -37.96 -2.43
N VAL A 275 12.13 -37.02 -1.66
CA VAL A 275 13.43 -36.43 -1.91
C VAL A 275 14.28 -36.72 -0.66
N ASP A 276 15.54 -37.12 -0.86
CA ASP A 276 16.49 -37.37 0.21
C ASP A 276 17.24 -36.03 0.44
N VAL A 277 17.03 -35.41 1.59
CA VAL A 277 17.64 -34.12 1.90
C VAL A 277 18.82 -34.25 2.88
N TYR A 278 19.19 -35.48 3.22
CA TYR A 278 20.28 -35.72 4.17
C TYR A 278 21.61 -35.22 3.52
N PRO A 279 22.54 -34.60 4.26
CA PRO A 279 22.55 -34.30 5.71
C PRO A 279 22.06 -32.87 6.06
N GLY A 280 21.12 -32.33 5.28
CA GLY A 280 20.62 -30.98 5.50
C GLY A 280 21.45 -29.91 4.80
N THR A 281 22.42 -30.31 4.00
CA THR A 281 23.23 -29.41 3.20
C THR A 281 23.43 -30.07 1.81
N LEU A 282 23.78 -29.26 0.81
CA LEU A 282 24.06 -29.74 -0.54
C LEU A 282 25.09 -28.80 -1.15
N GLN A 283 26.22 -29.33 -1.54
CA GLN A 283 27.26 -28.50 -2.14
C GLN A 283 27.09 -28.48 -3.66
N ILE A 284 27.13 -27.29 -4.24
CA ILE A 284 27.07 -27.10 -5.69
C ILE A 284 28.16 -26.07 -6.03
N GLY A 285 29.36 -26.59 -6.27
CA GLY A 285 30.55 -25.80 -6.54
C GLY A 285 31.05 -25.07 -5.30
N ARG A 286 31.19 -23.73 -5.39
CA ARG A 286 31.63 -22.89 -4.26
C ARG A 286 30.47 -22.64 -3.27
N TYR A 287 29.22 -22.79 -3.75
CA TYR A 287 28.00 -22.53 -2.97
C TYR A 287 27.48 -23.74 -2.18
N THR A 288 26.97 -23.48 -0.94
CA THR A 288 26.37 -24.51 -0.08
C THR A 288 24.90 -24.20 0.14
N ILE A 289 24.02 -25.10 -0.25
CA ILE A 289 22.59 -24.91 0.07
C ILE A 289 22.49 -25.50 1.48
N ARG A 290 21.82 -24.81 2.41
CA ARG A 290 21.73 -25.27 3.80
C ARG A 290 20.31 -25.16 4.31
N ASP A 291 19.83 -26.20 5.00
CA ASP A 291 18.53 -26.16 5.66
C ASP A 291 18.78 -25.69 7.09
N VAL A 292 17.74 -25.17 7.73
CA VAL A 292 17.80 -24.68 9.11
C VAL A 292 17.85 -25.82 10.12
N SER A 293 17.02 -26.83 9.90
CA SER A 293 16.96 -28.05 10.69
C SER A 293 17.56 -29.07 9.75
N ARG A 294 18.54 -29.84 10.24
CA ARG A 294 19.21 -30.79 9.36
C ARG A 294 19.11 -32.19 9.97
N ASN A 295 17.87 -32.58 10.33
CA ASN A 295 17.63 -33.89 10.92
C ASN A 295 16.65 -34.68 10.07
N SER A 296 16.77 -34.51 8.74
CA SER A 296 15.91 -35.23 7.82
C SER A 296 16.70 -36.02 6.80
N ARG A 297 16.07 -37.07 6.29
CA ARG A 297 16.61 -37.85 5.20
C ARG A 297 15.51 -37.80 4.15
N GLN A 298 14.61 -38.77 4.13
CA GLN A 298 13.53 -38.78 3.13
C GLN A 298 12.39 -37.87 3.53
N LEU A 299 11.96 -37.00 2.60
CA LEU A 299 10.77 -36.16 2.80
C LEU A 299 9.89 -36.26 1.56
N ASP A 300 8.54 -36.30 1.75
CA ASP A 300 7.63 -36.21 0.60
C ASP A 300 7.51 -34.71 0.27
N LEU A 301 6.81 -34.34 -0.80
CA LEU A 301 6.72 -32.94 -1.25
C LEU A 301 6.11 -32.03 -0.23
N THR A 302 5.05 -32.48 0.47
CA THR A 302 4.44 -31.70 1.55
C THR A 302 5.44 -31.50 2.71
N GLY A 303 6.21 -32.56 2.99
CA GLY A 303 7.24 -32.56 4.02
C GLY A 303 8.30 -31.52 3.75
N ILE A 304 8.68 -31.34 2.49
CA ILE A 304 9.67 -30.31 2.10
C ILE A 304 9.14 -28.91 2.48
N LEU A 305 7.84 -28.68 2.25
CA LEU A 305 7.17 -27.43 2.58
C LEU A 305 7.04 -27.30 4.12
N ILE A 306 6.59 -28.36 4.83
CA ILE A 306 6.45 -28.30 6.30
C ILE A 306 7.79 -27.99 6.97
N LYS A 307 8.87 -28.64 6.54
CA LYS A 307 10.20 -28.48 7.15
C LYS A 307 10.94 -27.30 6.54
N SER A 308 10.37 -26.67 5.51
CA SER A 308 10.99 -25.62 4.74
C SER A 308 12.41 -26.00 4.33
N SER A 309 12.50 -27.09 3.56
CA SER A 309 13.79 -27.58 3.09
C SER A 309 14.24 -26.92 1.78
N ASN A 310 15.30 -26.10 1.84
CA ASN A 310 15.97 -25.49 0.68
C ASN A 310 16.64 -26.57 -0.14
N VAL A 311 17.27 -27.55 0.52
CA VAL A 311 17.88 -28.71 -0.16
C VAL A 311 16.80 -29.44 -0.98
N GLY A 312 15.65 -29.74 -0.35
CA GLY A 312 14.55 -30.45 -0.98
C GLY A 312 14.05 -29.78 -2.24
N ILE A 313 13.72 -28.49 -2.12
CA ILE A 313 13.19 -27.72 -3.24
C ILE A 313 14.25 -27.54 -4.36
N SER A 314 15.55 -27.43 -3.98
CA SER A 314 16.67 -27.30 -4.93
C SER A 314 16.79 -28.55 -5.82
N LYS A 315 16.71 -29.75 -5.22
CA LYS A 315 16.79 -31.05 -5.93
C LYS A 315 15.62 -31.21 -6.91
N ILE A 316 14.43 -30.76 -6.52
CA ILE A 316 13.26 -30.79 -7.42
C ILE A 316 13.52 -29.78 -8.56
N ALA A 317 14.04 -28.58 -8.21
CA ALA A 317 14.38 -27.53 -9.21
C ALA A 317 15.40 -28.06 -10.25
N PHE A 318 16.45 -28.79 -9.79
CA PHE A 318 17.46 -29.36 -10.72
C PHE A 318 16.81 -30.34 -11.69
N ASP A 319 15.83 -31.12 -11.20
CA ASP A 319 15.13 -32.12 -12.02
C ASP A 319 14.23 -31.48 -13.08
N ILE A 320 13.42 -30.49 -12.71
CA ILE A 320 12.46 -29.90 -13.65
C ILE A 320 13.03 -28.76 -14.52
N GLY A 321 14.13 -28.13 -14.06
CA GLY A 321 14.73 -26.99 -14.75
C GLY A 321 14.16 -25.69 -14.21
N ALA A 322 15.01 -24.67 -14.14
CA ALA A 322 14.61 -23.34 -13.66
C ALA A 322 13.58 -22.67 -14.57
N GLU A 323 13.66 -22.90 -15.89
CA GLU A 323 12.74 -22.32 -16.88
C GLU A 323 11.28 -22.44 -16.44
N SER A 324 10.85 -23.65 -16.06
CA SER A 324 9.48 -23.91 -15.60
C SER A 324 9.14 -23.12 -14.35
N ILE A 325 10.10 -22.94 -13.44
CA ILE A 325 9.87 -22.25 -12.14
C ILE A 325 9.74 -20.75 -12.39
N TYR A 326 10.69 -20.18 -13.11
CA TYR A 326 10.70 -18.76 -13.51
C TYR A 326 9.34 -18.39 -14.16
N SER A 327 8.87 -19.26 -15.06
CA SER A 327 7.63 -19.04 -15.83
C SER A 327 6.43 -18.97 -14.92
N VAL A 328 6.32 -19.88 -13.93
CA VAL A 328 5.24 -19.77 -12.95
C VAL A 328 5.36 -18.45 -12.15
N MET A 329 6.55 -18.16 -11.61
CA MET A 329 6.71 -16.95 -10.80
C MET A 329 6.38 -15.67 -11.60
N GLN A 330 6.81 -15.63 -12.86
CA GLN A 330 6.54 -14.51 -13.74
C GLN A 330 5.05 -14.39 -14.01
N GLN A 331 4.38 -15.49 -14.28
CA GLN A 331 2.95 -15.51 -14.62
C GLN A 331 2.08 -15.10 -13.44
N VAL A 332 2.52 -15.41 -12.20
CA VAL A 332 1.74 -14.97 -11.02
C VAL A 332 2.06 -13.49 -10.65
N GLY A 333 3.04 -12.87 -11.33
CA GLY A 333 3.38 -11.47 -11.12
C GLY A 333 4.50 -11.11 -10.16
N LEU A 334 5.31 -12.10 -9.73
CA LEU A 334 6.45 -11.81 -8.84
C LEU A 334 7.54 -11.07 -9.63
N GLY A 335 7.97 -9.89 -9.16
CA GLY A 335 8.92 -9.05 -9.86
C GLY A 335 8.37 -8.43 -11.14
N GLN A 336 7.02 -8.31 -11.26
CA GLN A 336 6.37 -7.75 -12.45
C GLN A 336 5.50 -6.54 -12.08
N ASP A 337 5.28 -5.66 -13.07
CA ASP A 337 4.47 -4.47 -12.93
C ASP A 337 3.05 -4.86 -12.51
N THR A 338 2.53 -4.26 -11.39
CA THR A 338 1.17 -4.59 -10.93
C THR A 338 0.08 -3.96 -11.82
N GLY A 339 0.46 -2.91 -12.54
CA GLY A 339 -0.43 -2.14 -13.41
C GLY A 339 -1.31 -1.19 -12.62
N LEU A 340 -1.03 -1.04 -11.31
CA LEU A 340 -1.81 -0.17 -10.44
C LEU A 340 -1.60 1.33 -10.72
N GLY A 341 -0.46 1.68 -11.33
CA GLY A 341 -0.17 3.07 -11.68
C GLY A 341 0.05 4.00 -10.48
N PHE A 342 0.68 3.50 -9.41
CA PHE A 342 1.00 4.38 -8.27
C PHE A 342 2.44 4.88 -8.57
N PRO A 343 2.67 6.19 -8.89
CA PRO A 343 4.06 6.63 -9.19
C PRO A 343 4.99 6.27 -8.01
N GLY A 344 6.23 5.89 -8.32
CA GLY A 344 7.18 5.45 -7.30
C GLY A 344 6.97 4.01 -6.81
N GLU A 345 5.95 3.30 -7.35
CA GLU A 345 5.71 1.90 -6.99
C GLU A 345 6.89 1.09 -7.52
N ARG A 346 7.37 0.13 -6.73
CA ARG A 346 8.53 -0.65 -7.11
C ARG A 346 8.12 -1.97 -7.75
N VAL A 347 8.79 -2.33 -8.85
CA VAL A 347 8.53 -3.53 -9.65
C VAL A 347 9.35 -4.75 -9.11
N GLY A 348 10.51 -4.48 -8.53
CA GLY A 348 11.39 -5.50 -8.00
C GLY A 348 12.12 -6.20 -9.11
N ASN A 349 12.54 -7.45 -8.88
CA ASN A 349 13.28 -8.18 -9.91
C ASN A 349 13.17 -9.67 -9.75
N LEU A 350 12.89 -10.31 -10.85
CA LEU A 350 12.83 -11.74 -10.97
C LEU A 350 13.99 -12.04 -11.91
N PRO A 351 15.11 -12.65 -11.42
CA PRO A 351 16.27 -12.87 -12.33
C PRO A 351 15.94 -13.84 -13.45
N ASN A 352 16.53 -13.65 -14.62
CA ASN A 352 16.31 -14.55 -15.77
C ASN A 352 17.65 -14.89 -16.42
N HIS A 353 17.75 -16.10 -17.02
CA HIS A 353 18.95 -16.57 -17.74
C HIS A 353 18.52 -17.28 -19.02
N ARG A 354 19.43 -17.31 -19.99
CA ARG A 354 19.24 -18.08 -21.20
C ARG A 354 19.62 -19.53 -20.74
N LYS A 355 20.81 -19.69 -20.14
CA LYS A 355 21.24 -20.97 -19.55
C LYS A 355 21.33 -20.75 -18.02
N TRP A 356 20.50 -21.43 -17.26
CA TRP A 356 20.47 -21.32 -15.82
C TRP A 356 21.56 -22.15 -15.17
N PRO A 357 22.54 -21.58 -14.45
CA PRO A 357 23.50 -22.44 -13.75
C PRO A 357 22.81 -23.14 -12.55
N LYS A 358 23.47 -24.14 -11.96
CA LYS A 358 22.89 -24.87 -10.85
C LYS A 358 22.58 -23.98 -9.62
N ALA A 359 23.54 -23.14 -9.15
CA ALA A 359 23.32 -22.26 -7.99
C ALA A 359 22.12 -21.33 -8.13
N GLU A 360 21.97 -20.70 -9.30
CA GLU A 360 20.88 -19.76 -9.59
C GLU A 360 19.56 -20.48 -9.68
N THR A 361 19.57 -21.74 -10.15
CA THR A 361 18.37 -22.57 -10.26
C THR A 361 17.81 -22.80 -8.85
N ALA A 362 18.69 -23.22 -7.90
CA ALA A 362 18.30 -23.51 -6.51
C ALA A 362 17.80 -22.23 -5.80
N THR A 363 18.55 -21.12 -5.93
CA THR A 363 18.24 -19.86 -5.24
C THR A 363 16.93 -19.29 -5.78
N LEU A 364 16.66 -19.40 -7.09
CA LEU A 364 15.34 -19.01 -7.61
C LEU A 364 14.24 -19.83 -6.90
N ALA A 365 14.41 -21.17 -6.84
CA ALA A 365 13.41 -22.10 -6.29
C ALA A 365 13.09 -21.80 -4.82
N TYR A 366 14.10 -21.36 -4.03
CA TYR A 366 13.80 -21.05 -2.64
C TYR A 366 13.78 -19.53 -2.35
N GLY A 367 13.56 -18.72 -3.38
CA GLY A 367 13.30 -17.29 -3.24
C GLY A 367 14.42 -16.39 -2.76
N TYR A 368 15.66 -16.78 -3.03
CA TYR A 368 16.83 -15.98 -2.66
C TYR A 368 17.26 -15.23 -3.91
N GLY A 369 17.64 -13.97 -3.72
CA GLY A 369 18.12 -13.19 -4.86
C GLY A 369 17.03 -12.61 -5.74
N LEU A 370 15.74 -12.87 -5.43
CA LEU A 370 14.66 -12.21 -6.15
C LEU A 370 14.11 -11.13 -5.23
N SER A 371 13.53 -10.08 -5.79
CA SER A 371 12.99 -9.02 -4.96
C SER A 371 11.58 -8.72 -5.40
N VAL A 372 10.65 -8.78 -4.45
CA VAL A 372 9.23 -8.57 -4.72
C VAL A 372 8.70 -7.55 -3.69
N THR A 373 7.46 -7.08 -3.89
CA THR A 373 6.78 -6.21 -2.94
C THR A 373 5.69 -7.06 -2.23
N ALA A 374 5.21 -6.64 -1.06
CA ALA A 374 4.16 -7.35 -0.33
C ALA A 374 2.89 -7.50 -1.21
N ILE A 375 2.54 -6.44 -1.97
CA ILE A 375 1.39 -6.49 -2.89
C ILE A 375 1.56 -7.57 -3.96
N GLN A 376 2.77 -7.71 -4.54
CA GLN A 376 3.00 -8.73 -5.58
C GLN A 376 2.86 -10.13 -4.95
N LEU A 377 3.43 -10.31 -3.75
CA LEU A 377 3.37 -11.62 -3.08
C LEU A 377 1.93 -12.00 -2.78
N ALA A 378 1.12 -11.02 -2.36
CA ALA A 378 -0.29 -11.23 -2.05
C ALA A 378 -1.08 -11.60 -3.31
N HIS A 379 -0.77 -10.94 -4.42
CA HIS A 379 -1.42 -11.15 -5.72
C HIS A 379 -1.11 -12.58 -6.25
N ALA A 380 0.14 -13.06 -6.02
CA ALA A 380 0.58 -14.40 -6.43
C ALA A 380 -0.16 -15.46 -5.64
N TYR A 381 -0.28 -15.28 -4.32
CA TYR A 381 -1.04 -16.17 -3.45
C TYR A 381 -2.53 -16.13 -3.76
N ALA A 382 -3.03 -14.98 -4.21
CA ALA A 382 -4.44 -14.84 -4.62
C ALA A 382 -4.71 -15.70 -5.84
N ALA A 383 -3.76 -15.76 -6.82
CA ALA A 383 -3.90 -16.60 -8.04
C ALA A 383 -3.94 -18.10 -7.66
N LEU A 384 -3.02 -18.53 -6.79
CA LEU A 384 -2.97 -19.90 -6.31
C LEU A 384 -4.27 -20.28 -5.57
N ALA A 385 -4.77 -19.38 -4.72
CA ALA A 385 -5.98 -19.57 -3.93
C ALA A 385 -7.23 -19.61 -4.82
N ASN A 386 -7.23 -18.80 -5.87
CA ASN A 386 -8.35 -18.67 -6.82
C ASN A 386 -8.26 -19.76 -7.92
N ASP A 387 -7.93 -21.00 -7.51
CA ASP A 387 -7.79 -22.16 -8.39
C ASP A 387 -6.88 -21.92 -9.63
N GLY A 388 -5.80 -21.19 -9.38
CA GLY A 388 -4.78 -20.92 -10.38
C GLY A 388 -5.10 -19.79 -11.33
N LYS A 389 -6.22 -19.09 -11.07
CA LYS A 389 -6.63 -17.97 -11.92
C LYS A 389 -6.27 -16.58 -11.32
N SER A 390 -5.41 -15.84 -12.02
CA SER A 390 -4.98 -14.49 -11.65
C SER A 390 -5.99 -13.45 -12.14
N VAL A 391 -6.54 -12.65 -11.23
CA VAL A 391 -7.48 -11.57 -11.52
C VAL A 391 -6.67 -10.28 -11.35
N PRO A 392 -6.77 -9.29 -12.29
CA PRO A 392 -5.99 -8.05 -12.16
C PRO A 392 -6.22 -7.37 -10.82
N LEU A 393 -5.13 -6.85 -10.24
CA LEU A 393 -5.16 -6.14 -8.96
C LEU A 393 -5.93 -4.85 -9.08
N SER A 394 -6.69 -4.49 -8.04
CA SER A 394 -7.44 -3.25 -8.06
C SER A 394 -7.41 -2.56 -6.70
N MET A 395 -7.23 -1.23 -6.70
CA MET A 395 -7.27 -0.42 -5.47
C MET A 395 -8.64 0.30 -5.39
N THR A 396 -9.48 0.14 -6.39
CA THR A 396 -10.85 0.70 -6.40
C THR A 396 -11.87 -0.42 -6.38
N ARG A 397 -13.10 -0.10 -5.94
CA ARG A 397 -14.18 -1.09 -5.85
C ARG A 397 -14.53 -1.70 -7.20
N VAL A 398 -14.48 -3.03 -7.28
CA VAL A 398 -14.75 -3.79 -8.51
C VAL A 398 -16.21 -4.26 -8.47
N ASP A 399 -17.06 -3.71 -9.36
CA ASP A 399 -18.47 -4.11 -9.46
C ASP A 399 -18.61 -5.19 -10.52
N ARG A 400 -17.93 -5.04 -11.68
CA ARG A 400 -17.92 -6.03 -12.77
C ARG A 400 -16.54 -6.62 -12.75
N VAL A 401 -16.42 -7.91 -12.42
CA VAL A 401 -15.11 -8.53 -12.30
C VAL A 401 -14.51 -8.77 -13.69
N PRO A 402 -13.24 -8.34 -13.97
CA PRO A 402 -12.66 -8.64 -15.29
C PRO A 402 -12.33 -10.13 -15.37
N ASP A 403 -12.07 -10.64 -16.60
CA ASP A 403 -11.73 -12.05 -16.80
C ASP A 403 -10.36 -12.28 -16.18
N GLY A 404 -10.17 -13.44 -15.58
CA GLY A 404 -8.86 -13.72 -15.00
C GLY A 404 -8.01 -14.40 -16.04
N VAL A 405 -6.75 -14.70 -15.70
CA VAL A 405 -5.88 -15.46 -16.60
C VAL A 405 -5.58 -16.73 -15.83
N GLN A 406 -5.85 -17.92 -16.43
CA GLN A 406 -5.51 -19.19 -15.83
C GLN A 406 -3.99 -19.30 -15.92
N VAL A 407 -3.30 -19.05 -14.81
CA VAL A 407 -1.83 -19.04 -14.81
C VAL A 407 -1.28 -20.38 -14.36
N ILE A 408 -1.98 -21.08 -13.47
CA ILE A 408 -1.63 -22.43 -13.01
C ILE A 408 -2.88 -23.29 -13.31
N SER A 409 -2.72 -24.56 -13.74
CA SER A 409 -3.91 -25.38 -13.99
C SER A 409 -4.76 -25.56 -12.70
N PRO A 410 -6.10 -25.62 -12.83
CA PRO A 410 -6.94 -25.79 -11.63
C PRO A 410 -6.55 -26.99 -10.77
N GLU A 411 -6.12 -28.11 -11.39
CA GLU A 411 -5.72 -29.33 -10.66
C GLU A 411 -4.44 -29.09 -9.85
N VAL A 412 -3.41 -28.50 -10.46
CA VAL A 412 -2.16 -28.21 -9.76
C VAL A 412 -2.42 -27.21 -8.62
N ALA A 413 -3.19 -26.15 -8.89
CA ALA A 413 -3.52 -25.15 -7.87
C ALA A 413 -4.19 -25.83 -6.68
N SER A 414 -5.19 -26.67 -6.95
CA SER A 414 -5.92 -27.41 -5.92
C SER A 414 -5.00 -28.36 -5.15
N THR A 415 -4.04 -29.00 -5.84
CA THR A 415 -3.09 -29.86 -5.15
C THR A 415 -2.21 -29.02 -4.20
N VAL A 416 -1.64 -27.91 -4.71
CA VAL A 416 -0.77 -27.00 -3.92
C VAL A 416 -1.56 -26.41 -2.73
N GLN A 417 -2.83 -26.05 -2.93
CA GLN A 417 -3.67 -25.56 -1.85
C GLN A 417 -3.75 -26.57 -0.70
N GLY A 418 -3.98 -27.83 -1.06
CA GLY A 418 -4.06 -28.93 -0.08
C GLY A 418 -2.77 -29.11 0.68
N MET A 419 -1.61 -28.94 0.00
CA MET A 419 -0.31 -29.11 0.67
C MET A 419 -0.07 -27.93 1.61
N LEU A 420 -0.52 -26.71 1.24
CA LEU A 420 -0.40 -25.51 2.10
C LEU A 420 -1.34 -25.61 3.31
N GLN A 421 -2.47 -26.30 3.16
CA GLN A 421 -3.36 -26.54 4.32
C GLN A 421 -2.63 -27.47 5.33
N GLN A 422 -1.95 -28.49 4.79
CA GLN A 422 -1.15 -29.40 5.61
C GLN A 422 0.02 -28.67 6.23
N VAL A 423 0.62 -27.70 5.52
CA VAL A 423 1.72 -26.93 6.12
C VAL A 423 1.29 -26.30 7.46
N VAL A 424 0.07 -25.77 7.49
CA VAL A 424 -0.52 -25.11 8.64
C VAL A 424 -1.06 -26.12 9.69
N GLU A 425 -1.78 -27.16 9.24
CA GLU A 425 -2.51 -28.14 10.09
C GLU A 425 -1.77 -29.39 10.52
N ALA A 426 -0.83 -29.90 9.70
CA ALA A 426 -0.12 -31.14 9.97
C ALA A 426 0.79 -31.10 11.19
N GLN A 427 1.14 -32.28 11.71
CA GLN A 427 2.08 -32.46 12.83
C GLN A 427 3.40 -31.82 12.39
N GLY A 428 3.96 -30.96 13.24
CA GLY A 428 5.22 -30.26 12.92
C GLY A 428 5.06 -29.05 12.04
N GLY A 429 3.82 -28.72 11.69
CA GLY A 429 3.52 -27.58 10.83
C GLY A 429 3.54 -26.23 11.52
N VAL A 430 3.08 -25.20 10.79
CA VAL A 430 3.03 -23.81 11.30
C VAL A 430 1.71 -23.63 12.04
N PHE A 431 1.59 -24.24 13.22
CA PHE A 431 0.35 -24.22 14.02
C PHE A 431 -0.14 -22.84 14.41
N ARG A 432 0.77 -21.85 14.55
CA ARG A 432 0.43 -20.49 14.93
C ARG A 432 -0.41 -19.76 13.85
N ALA A 433 -0.39 -20.26 12.59
CA ALA A 433 -1.19 -19.71 11.48
C ALA A 433 -2.60 -20.27 11.47
N GLN A 434 -2.87 -21.32 12.27
CA GLN A 434 -4.23 -21.91 12.33
C GLN A 434 -5.29 -20.88 12.67
N VAL A 435 -6.42 -20.91 11.95
CA VAL A 435 -7.50 -19.94 12.12
C VAL A 435 -8.65 -20.67 12.80
N PRO A 436 -8.87 -20.48 14.12
CA PRO A 436 -9.93 -21.24 14.80
C PRO A 436 -11.30 -21.09 14.12
N GLY A 437 -11.90 -22.23 13.79
CA GLY A 437 -13.18 -22.31 13.09
C GLY A 437 -13.07 -22.59 11.61
N TYR A 438 -11.85 -22.47 11.04
CA TYR A 438 -11.63 -22.64 9.61
C TYR A 438 -10.39 -23.46 9.28
N HIS A 439 -10.34 -23.91 8.03
CA HIS A 439 -9.19 -24.55 7.47
C HIS A 439 -8.38 -23.40 6.80
N ALA A 440 -7.15 -23.17 7.24
CA ALA A 440 -6.31 -22.12 6.66
C ALA A 440 -5.11 -22.77 5.96
N ALA A 441 -4.49 -22.09 5.01
CA ALA A 441 -3.39 -22.61 4.23
C ALA A 441 -2.38 -21.50 4.00
N GLY A 442 -1.10 -21.85 4.02
CA GLY A 442 -0.06 -20.88 3.80
C GLY A 442 1.34 -21.38 3.97
N LYS A 443 2.29 -20.47 3.84
CA LYS A 443 3.69 -20.78 3.95
C LYS A 443 4.39 -19.63 4.64
N SER A 444 5.21 -19.97 5.65
CA SER A 444 5.98 -18.99 6.35
C SER A 444 7.33 -18.86 5.67
N GLY A 445 8.07 -17.81 6.02
CA GLY A 445 9.39 -17.57 5.48
C GLY A 445 10.18 -16.67 6.40
N THR A 446 11.51 -16.75 6.27
CA THR A 446 12.44 -15.91 7.02
C THR A 446 13.57 -15.57 6.11
N ALA A 447 13.80 -14.28 5.89
CA ALA A 447 14.88 -13.85 5.01
C ALA A 447 15.94 -13.13 5.82
N ARG A 448 17.20 -13.54 5.65
CA ARG A 448 18.33 -12.88 6.30
C ARG A 448 18.62 -11.72 5.34
N LYS A 449 18.41 -10.47 5.83
CA LYS A 449 18.58 -9.27 5.00
C LYS A 449 19.99 -8.70 5.06
N ASN A 460 22.20 -11.83 11.75
CA ASN A 460 22.28 -10.38 11.72
C ASN A 460 20.86 -9.79 11.79
N ALA A 461 20.34 -9.25 10.67
CA ALA A 461 18.99 -8.67 10.56
C ALA A 461 18.09 -9.54 9.65
N TYR A 462 16.81 -9.71 10.06
CA TYR A 462 15.83 -10.56 9.41
C TYR A 462 14.53 -9.88 9.05
N ARG A 463 13.81 -10.51 8.11
CA ARG A 463 12.48 -10.14 7.72
C ARG A 463 11.62 -11.38 7.95
N SER A 464 10.58 -11.25 8.73
CA SER A 464 9.73 -12.38 9.10
C SER A 464 8.48 -12.34 8.20
N LEU A 465 8.20 -13.44 7.50
CA LEU A 465 7.10 -13.49 6.52
C LEU A 465 6.10 -14.59 6.72
N PHE A 466 4.86 -14.32 6.37
CA PHE A 466 3.81 -15.33 6.26
C PHE A 466 2.92 -14.90 5.13
N ALA A 467 2.55 -15.85 4.27
CA ALA A 467 1.66 -15.59 3.12
C ALA A 467 0.70 -16.75 3.07
N GLY A 468 -0.57 -16.46 2.93
CA GLY A 468 -1.53 -17.55 2.95
C GLY A 468 -2.91 -17.13 2.54
N PHE A 469 -3.88 -18.02 2.77
CA PHE A 469 -5.27 -17.78 2.34
C PHE A 469 -6.22 -18.67 3.09
N ALA A 470 -7.52 -18.37 3.00
CA ALA A 470 -8.57 -19.09 3.69
C ALA A 470 -9.95 -18.70 3.14
N PRO A 471 -11.00 -19.51 3.40
CA PRO A 471 -11.00 -20.88 4.00
C PRO A 471 -10.39 -21.83 2.96
N ALA A 472 -9.46 -22.71 3.37
CA ALA A 472 -8.71 -23.59 2.46
C ALA A 472 -9.53 -24.39 1.45
N THR A 473 -10.80 -24.72 1.79
CA THR A 473 -11.69 -25.51 0.94
C THR A 473 -12.35 -24.68 -0.17
N ASP A 474 -12.72 -23.42 0.11
CA ASP A 474 -13.28 -22.49 -0.89
C ASP A 474 -12.63 -21.10 -0.61
N PRO A 475 -11.38 -20.88 -1.07
CA PRO A 475 -10.68 -19.64 -0.70
C PRO A 475 -11.36 -18.33 -1.06
N ARG A 476 -11.37 -17.43 -0.09
CA ARG A 476 -11.97 -16.12 -0.24
C ARG A 476 -10.95 -15.00 -0.14
N ILE A 477 -10.00 -15.13 0.80
CA ILE A 477 -9.03 -14.08 1.06
C ILE A 477 -7.61 -14.62 1.07
N ALA A 478 -6.67 -13.83 0.53
CA ALA A 478 -5.23 -14.08 0.57
C ALA A 478 -4.62 -12.97 1.44
N MET A 479 -3.57 -13.30 2.18
CA MET A 479 -2.97 -12.30 3.05
C MET A 479 -1.49 -12.46 3.13
N VAL A 480 -0.78 -11.33 3.23
CA VAL A 480 0.67 -11.35 3.42
C VAL A 480 1.00 -10.52 4.65
N VAL A 481 1.86 -11.03 5.54
CA VAL A 481 2.30 -10.30 6.74
C VAL A 481 3.81 -10.21 6.65
N VAL A 482 4.37 -8.99 6.65
CA VAL A 482 5.82 -8.79 6.58
C VAL A 482 6.23 -8.05 7.84
N ILE A 483 7.13 -8.62 8.63
CA ILE A 483 7.58 -7.91 9.83
C ILE A 483 9.08 -7.70 9.66
N ASP A 484 9.49 -6.44 9.62
CA ASP A 484 10.86 -6.06 9.35
C ASP A 484 11.70 -5.88 10.60
N GLU A 485 12.79 -6.63 10.67
CA GLU A 485 13.77 -6.65 11.76
C GLU A 485 13.13 -6.92 13.14
N PRO A 486 12.44 -8.06 13.36
CA PRO A 486 11.98 -8.39 14.73
C PRO A 486 13.25 -8.49 15.60
N SER A 487 13.18 -7.97 16.81
CA SER A 487 14.37 -7.92 17.66
C SER A 487 14.33 -8.89 18.87
N LYS A 488 13.35 -9.82 18.91
CA LYS A 488 13.31 -10.83 19.99
C LYS A 488 13.96 -12.15 19.57
N ALA A 489 14.22 -13.05 20.55
CA ALA A 489 14.88 -14.37 20.36
C ALA A 489 14.37 -15.14 19.15
N GLY A 490 13.03 -15.18 18.99
CA GLY A 490 12.36 -15.82 17.86
C GLY A 490 12.11 -14.80 16.77
N TYR A 491 12.75 -15.00 15.59
CA TYR A 491 12.62 -14.08 14.44
C TYR A 491 12.05 -14.74 13.19
N PHE A 492 11.88 -16.08 13.23
CA PHE A 492 11.38 -16.83 12.08
C PHE A 492 9.94 -16.45 11.76
N GLY A 493 9.61 -16.48 10.46
CA GLY A 493 8.25 -16.17 9.98
C GLY A 493 7.13 -16.94 10.66
N GLY A 494 7.36 -18.23 10.94
CA GLY A 494 6.34 -19.09 11.55
C GLY A 494 6.08 -18.77 13.02
N LEU A 495 6.97 -18.00 13.62
CA LEU A 495 6.82 -17.59 14.99
C LEU A 495 6.27 -16.17 15.04
N VAL A 496 6.85 -15.26 14.25
CA VAL A 496 6.55 -13.84 14.30
C VAL A 496 5.34 -13.43 13.45
N SER A 497 5.27 -13.85 12.16
CA SER A 497 4.20 -13.41 11.27
C SER A 497 2.97 -14.31 11.25
N ALA A 498 3.16 -15.64 11.41
CA ALA A 498 2.07 -16.62 11.43
C ALA A 498 0.98 -16.24 12.41
N PRO A 499 1.24 -15.89 13.70
CA PRO A 499 0.11 -15.50 14.59
C PRO A 499 -0.64 -14.26 14.14
N VAL A 500 0.03 -13.30 13.43
CA VAL A 500 -0.61 -12.05 12.94
C VAL A 500 -1.65 -12.46 11.87
N PHE A 501 -1.22 -13.32 10.92
CA PHE A 501 -2.08 -13.92 9.90
C PHE A 501 -3.30 -14.54 10.59
N SER A 502 -3.08 -15.36 11.63
CA SER A 502 -4.18 -16.01 12.38
C SER A 502 -5.22 -15.01 12.88
N LYS A 503 -4.77 -13.98 13.63
CA LYS A 503 -5.62 -12.98 14.27
C LYS A 503 -6.37 -12.16 13.22
N VAL A 504 -5.66 -11.73 12.18
CA VAL A 504 -6.27 -10.87 11.16
C VAL A 504 -7.26 -11.67 10.32
N MET A 505 -6.88 -12.90 9.95
CA MET A 505 -7.75 -13.79 9.17
C MET A 505 -9.01 -14.15 9.97
N ALA A 506 -8.90 -14.49 11.27
CA ALA A 506 -10.05 -14.84 12.12
C ALA A 506 -11.08 -13.71 12.12
N GLY A 507 -10.60 -12.46 12.19
CA GLY A 507 -11.43 -11.27 12.14
C GLY A 507 -11.98 -10.97 10.77
N ALA A 508 -11.13 -10.95 9.73
CA ALA A 508 -11.53 -10.61 8.34
C ALA A 508 -12.62 -11.51 7.80
N LEU A 509 -12.51 -12.84 8.04
CA LEU A 509 -13.49 -13.81 7.56
C LEU A 509 -14.80 -13.59 8.27
N ARG A 510 -14.76 -13.23 9.57
CA ARG A 510 -16.03 -13.04 10.31
C ARG A 510 -16.69 -11.73 9.90
N LEU A 511 -15.86 -10.67 9.69
CA LEU A 511 -16.35 -9.38 9.22
C LEU A 511 -17.03 -9.51 7.84
N MET A 512 -16.53 -10.44 7.00
CA MET A 512 -17.06 -10.71 5.66
C MET A 512 -18.15 -11.77 5.68
N ASN A 513 -18.51 -12.26 6.88
CA ASN A 513 -19.57 -13.26 7.08
C ASN A 513 -19.30 -14.53 6.28
N VAL A 514 -18.02 -14.96 6.24
CA VAL A 514 -17.64 -16.17 5.54
C VAL A 514 -18.04 -17.35 6.45
N PRO A 515 -18.84 -18.34 5.99
CA PRO A 515 -19.23 -19.43 6.91
C PRO A 515 -18.05 -20.28 7.37
N PRO A 516 -17.89 -20.52 8.70
CA PRO A 516 -16.75 -21.35 9.18
C PRO A 516 -16.77 -22.70 8.51
N ASP A 517 -15.62 -23.17 8.00
CA ASP A 517 -15.60 -24.42 7.23
C ASP A 517 -14.94 -25.62 7.93
N ASN A 518 -14.50 -25.49 9.20
CA ASN A 518 -13.91 -26.63 9.90
C ASN A 518 -15.07 -27.29 10.61
N LEU A 519 -15.82 -28.11 9.86
CA LEU A 519 -17.04 -28.80 10.29
C LEU A 519 -16.87 -30.32 10.37
#